data_7O5C
#
_entry.id   7O5C
#
_cell.length_a   82.757
_cell.length_b   112.483
_cell.length_c   62.702
_cell.angle_alpha   90.000
_cell.angle_beta   90.000
_cell.angle_gamma   90.000
#
_symmetry.space_group_name_H-M   'C 2 2 21'
#
loop_
_entity.id
_entity.type
_entity.pdbx_description
1 polymer '14-3-3 protein sigma'
2 polymer 'Transcription factor p65'
3 non-polymer 'CHLORIDE ION'
4 non-polymer 4-methanoyl-~{N}-(1-methylpyrazol-3-yl)benzamide
5 non-polymer GLYCEROL
6 water water
#
loop_
_entity_poly.entity_id
_entity_poly.type
_entity_poly.pdbx_seq_one_letter_code
_entity_poly.pdbx_strand_id
1 'polypeptide(L)'
;GAMGSMERASLIQKAKLAEQAERYEDMAAFMKGAVEKGEELS(CSO)EERNLLSVAYKNVVGGQRAAWRVLSSIEQKSNE
EGSEEKGPEVREYREKVETELQGVCDTVLGLLDSHLIKEAGDAESRVFYLKMKGDYYRYLAEVATGDDKKRIIDSARSAY
QEAMDISKKEMPPTNPIRLGLALNFSVFHYEIANSPEEAISLAKTTFDEAMADLHTLSEDSYKDSTLIMQLLRDNLTLWT
;
A
2 'polypeptide(L)' EGRSAG(SEP)IPGRRS P
#
# COMPACT_ATOMS: atom_id res chain seq x y z
N MET A 3 3.29 -19.90 12.52
CA MET A 3 4.62 -20.22 12.03
C MET A 3 5.63 -20.19 13.16
N GLY A 4 5.13 -20.36 14.39
CA GLY A 4 5.97 -20.19 15.56
C GLY A 4 7.11 -21.19 15.65
N SER A 5 6.95 -22.36 15.06
CA SER A 5 8.00 -23.36 15.15
C SER A 5 9.03 -23.29 14.02
N MET A 6 8.86 -22.40 13.05
CA MET A 6 9.81 -22.28 11.95
C MET A 6 10.81 -21.16 12.20
N GLU A 7 12.07 -21.40 11.82
CA GLU A 7 13.12 -20.40 11.97
C GLU A 7 12.80 -19.14 11.17
N ARG A 8 13.15 -17.98 11.72
CA ARG A 8 12.97 -16.73 11.00
C ARG A 8 13.60 -16.78 9.62
N ALA A 9 14.85 -17.25 9.54
CA ALA A 9 15.53 -17.29 8.25
C ALA A 9 14.83 -18.21 7.26
N SER A 10 14.28 -19.33 7.74
CA SER A 10 13.55 -20.24 6.87
C SER A 10 12.25 -19.62 6.37
N LEU A 11 11.56 -18.86 7.23
CA LEU A 11 10.37 -18.14 6.80
C LEU A 11 10.69 -17.16 5.68
N ILE A 12 11.80 -16.42 5.82
N ILE A 12 11.80 -16.41 5.80
CA ILE A 12 12.20 -15.46 4.80
CA ILE A 12 12.16 -15.46 4.76
C ILE A 12 12.55 -16.19 3.50
C ILE A 12 12.56 -16.18 3.48
N GLN A 13 13.32 -17.27 3.60
CA GLN A 13 13.68 -18.06 2.42
C GLN A 13 12.43 -18.59 1.72
N LYS A 14 11.48 -19.11 2.49
CA LYS A 14 10.26 -19.64 1.90
C LYS A 14 9.36 -18.55 1.33
N ALA A 15 9.37 -17.34 1.94
CA ALA A 15 8.65 -16.22 1.32
C ALA A 15 9.19 -15.93 -0.07
N LYS A 16 10.51 -15.98 -0.24
CA LYS A 16 11.08 -15.71 -1.55
C LYS A 16 10.71 -16.82 -2.55
N LEU A 17 10.70 -18.07 -2.08
CA LEU A 17 10.27 -19.17 -2.94
C LEU A 17 8.81 -19.02 -3.34
N ALA A 18 7.96 -18.65 -2.39
CA ALA A 18 6.55 -18.49 -2.68
C ALA A 18 6.32 -17.38 -3.71
N GLU A 19 7.11 -16.30 -3.63
CA GLU A 19 7.00 -15.27 -4.65
C GLU A 19 7.34 -15.82 -6.03
N GLN A 20 8.40 -16.62 -6.12
CA GLN A 20 8.76 -17.20 -7.42
C GLN A 20 7.68 -18.13 -7.94
N ALA A 21 6.98 -18.82 -7.04
CA ALA A 21 5.91 -19.73 -7.41
C ALA A 21 4.57 -19.03 -7.55
N GLU A 22 4.54 -17.71 -7.36
CA GLU A 22 3.31 -16.91 -7.40
C GLU A 22 2.28 -17.46 -6.41
N ARG A 23 2.76 -17.90 -5.25
CA ARG A 23 1.91 -18.37 -4.15
C ARG A 23 1.86 -17.28 -3.09
N TYR A 24 1.08 -16.23 -3.38
CA TYR A 24 1.15 -15.04 -2.55
C TYR A 24 0.48 -15.19 -1.20
N GLU A 25 -0.53 -16.05 -1.08
N GLU A 25 -0.55 -16.04 -1.09
CA GLU A 25 -1.12 -16.31 0.23
CA GLU A 25 -1.13 -16.33 0.22
C GLU A 25 -0.11 -16.99 1.15
C GLU A 25 -0.09 -16.97 1.14
N ASP A 26 0.65 -17.96 0.62
CA ASP A 26 1.74 -18.56 1.38
C ASP A 26 2.77 -17.50 1.74
N MET A 27 3.16 -16.69 0.76
CA MET A 27 4.17 -15.65 0.99
C MET A 27 3.77 -14.74 2.14
N ALA A 28 2.50 -14.35 2.18
CA ALA A 28 2.01 -13.47 3.24
C ALA A 28 2.06 -14.17 4.60
N ALA A 29 1.64 -15.44 4.65
CA ALA A 29 1.70 -16.19 5.89
C ALA A 29 3.14 -16.34 6.39
N PHE A 30 4.07 -16.58 5.47
CA PHE A 30 5.48 -16.70 5.86
C PHE A 30 5.99 -15.38 6.42
N MET A 31 5.71 -14.28 5.72
CA MET A 31 6.15 -12.96 6.18
C MET A 31 5.44 -12.54 7.47
N LYS A 32 4.17 -12.90 7.64
CA LYS A 32 3.51 -12.67 8.92
C LYS A 32 4.24 -13.40 10.04
N GLY A 33 4.60 -14.67 9.80
CA GLY A 33 5.38 -15.39 10.79
C GLY A 33 6.72 -14.74 11.09
N ALA A 34 7.39 -14.22 10.04
CA ALA A 34 8.67 -13.55 10.26
C ALA A 34 8.52 -12.31 11.11
N VAL A 35 7.49 -11.50 10.84
CA VAL A 35 7.25 -10.31 11.65
C VAL A 35 7.02 -10.70 13.11
N GLU A 36 6.22 -11.74 13.33
CA GLU A 36 5.88 -12.13 14.69
C GLU A 36 7.06 -12.72 15.45
N LYS A 37 8.20 -12.96 14.80
CA LYS A 37 9.41 -13.28 15.55
C LYS A 37 9.87 -12.11 16.42
N GLY A 38 9.41 -10.90 16.15
CA GLY A 38 9.63 -9.77 17.02
C GLY A 38 10.82 -8.91 16.67
N GLU A 39 11.67 -9.33 15.74
CA GLU A 39 12.80 -8.52 15.30
C GLU A 39 12.36 -7.53 14.22
N GLU A 40 13.09 -6.42 14.14
CA GLU A 40 12.85 -5.46 13.07
C GLU A 40 13.14 -6.11 11.72
N LEU A 41 12.59 -5.51 10.65
CA LEU A 41 12.73 -6.04 9.31
C LEU A 41 13.75 -5.22 8.53
N SER A 42 14.57 -5.90 7.73
CA SER A 42 15.50 -5.22 6.84
C SER A 42 14.76 -4.62 5.66
N GLU A 44 15.02 -5.31 2.44
CA GLU A 44 14.54 -6.41 1.61
C GLU A 44 13.33 -7.12 2.23
N GLU A 45 13.40 -7.35 3.54
CA GLU A 45 12.31 -8.04 4.24
C GLU A 45 11.03 -7.20 4.24
N ARG A 46 11.15 -5.89 4.43
CA ARG A 46 9.98 -5.02 4.32
C ARG A 46 9.35 -5.14 2.95
N ASN A 47 10.16 -5.16 1.89
CA ASN A 47 9.61 -5.30 0.55
C ASN A 47 8.87 -6.62 0.38
N LEU A 48 9.41 -7.71 0.95
CA LEU A 48 8.74 -8.99 0.84
C LEU A 48 7.38 -8.96 1.53
N LEU A 49 7.33 -8.38 2.73
CA LEU A 49 6.05 -8.24 3.43
C LEU A 49 5.05 -7.46 2.58
N SER A 50 5.50 -6.34 2.02
CA SER A 50 4.64 -5.48 1.21
C SER A 50 4.14 -6.18 -0.04
N VAL A 51 5.05 -6.82 -0.77
CA VAL A 51 4.66 -7.48 -2.03
C VAL A 51 3.65 -8.59 -1.76
N ALA A 52 3.87 -9.36 -0.70
CA ALA A 52 2.99 -10.47 -0.39
C ALA A 52 1.56 -10.00 -0.15
N TYR A 53 1.39 -9.04 0.76
CA TYR A 53 0.03 -8.62 1.10
C TYR A 53 -0.58 -7.77 0.00
N LYS A 54 0.24 -7.08 -0.78
CA LYS A 54 -0.32 -6.30 -1.87
C LYS A 54 -0.97 -7.21 -2.91
N ASN A 55 -0.34 -8.35 -3.17
CA ASN A 55 -0.90 -9.30 -4.12
C ASN A 55 -2.17 -9.94 -3.56
N VAL A 56 -2.17 -10.28 -2.27
CA VAL A 56 -3.34 -10.93 -1.67
C VAL A 56 -4.53 -10.01 -1.71
N VAL A 57 -4.37 -8.79 -1.19
N VAL A 57 -4.39 -8.80 -1.16
CA VAL A 57 -5.50 -7.86 -1.17
CA VAL A 57 -5.50 -7.85 -1.18
C VAL A 57 -5.80 -7.37 -2.59
C VAL A 57 -5.82 -7.42 -2.60
N GLY A 58 -4.82 -7.39 -3.48
CA GLY A 58 -5.08 -7.01 -4.86
C GLY A 58 -6.07 -7.94 -5.54
N GLY A 59 -5.92 -9.25 -5.30
CA GLY A 59 -6.91 -10.19 -5.81
C GLY A 59 -8.28 -10.00 -5.18
N GLN A 60 -8.32 -9.71 -3.88
CA GLN A 60 -9.60 -9.50 -3.20
C GLN A 60 -10.29 -8.24 -3.69
N ARG A 61 -9.52 -7.17 -3.87
CA ARG A 61 -10.12 -5.92 -4.37
C ARG A 61 -10.68 -6.11 -5.77
N ALA A 62 -9.94 -6.81 -6.64
CA ALA A 62 -10.43 -7.05 -7.99
C ALA A 62 -11.71 -7.85 -7.97
N ALA A 63 -11.78 -8.90 -7.14
CA ALA A 63 -13.00 -9.69 -7.03
C ALA A 63 -14.15 -8.87 -6.45
N TRP A 64 -13.87 -8.07 -5.42
CA TRP A 64 -14.90 -7.23 -4.84
C TRP A 64 -15.49 -6.27 -5.87
N ARG A 65 -14.63 -5.69 -6.72
CA ARG A 65 -15.14 -4.76 -7.72
C ARG A 65 -16.03 -5.47 -8.73
N VAL A 66 -15.64 -6.68 -9.16
CA VAL A 66 -16.50 -7.45 -10.06
C VAL A 66 -17.86 -7.69 -9.43
N LEU A 67 -17.87 -8.18 -8.18
CA LEU A 67 -19.13 -8.51 -7.52
C LEU A 67 -19.96 -7.28 -7.21
N SER A 68 -19.31 -6.18 -6.78
N SER A 68 -19.31 -6.18 -6.78
CA SER A 68 -20.03 -4.96 -6.51
CA SER A 68 -20.05 -4.96 -6.51
C SER A 68 -20.71 -4.43 -7.77
C SER A 68 -20.71 -4.42 -7.78
N SER A 69 -20.03 -4.54 -8.92
CA SER A 69 -20.61 -4.10 -10.18
C SER A 69 -21.84 -4.94 -10.55
N ILE A 70 -21.74 -6.26 -10.40
CA ILE A 70 -22.90 -7.12 -10.67
C ILE A 70 -24.04 -6.77 -9.72
N GLU A 71 -23.71 -6.54 -8.44
CA GLU A 71 -24.73 -6.22 -7.45
C GLU A 71 -25.46 -4.91 -7.80
N GLN A 72 -24.71 -3.91 -8.29
CA GLN A 72 -25.35 -2.64 -8.65
C GLN A 72 -26.25 -2.79 -9.87
N LYS A 73 -25.86 -3.64 -10.82
CA LYS A 73 -26.70 -3.88 -11.99
C LYS A 73 -28.01 -4.55 -11.59
N SER A 74 -27.98 -5.41 -10.57
CA SER A 74 -29.20 -6.10 -10.15
C SER A 74 -30.16 -5.16 -9.44
N ASN A 75 -29.65 -4.10 -8.82
CA ASN A 75 -30.49 -3.16 -8.09
C ASN A 75 -30.94 -2.00 -8.99
N GLY A 83 -32.22 -12.81 -6.21
CA GLY A 83 -32.07 -13.34 -4.86
C GLY A 83 -30.95 -12.67 -4.08
N PRO A 84 -30.70 -13.15 -2.86
CA PRO A 84 -29.67 -12.54 -2.02
C PRO A 84 -28.25 -13.00 -2.35
N GLU A 85 -28.07 -13.84 -3.36
CA GLU A 85 -26.79 -14.52 -3.55
C GLU A 85 -25.67 -13.54 -3.87
N VAL A 86 -25.92 -12.60 -4.78
CA VAL A 86 -24.86 -11.67 -5.19
C VAL A 86 -24.41 -10.82 -4.00
N ARG A 87 -25.38 -10.27 -3.26
CA ARG A 87 -25.03 -9.51 -2.06
C ARG A 87 -24.30 -10.37 -1.05
N GLU A 88 -24.80 -11.61 -0.81
CA GLU A 88 -24.16 -12.47 0.17
C GLU A 88 -22.72 -12.76 -0.20
N TYR A 89 -22.46 -13.03 -1.48
CA TYR A 89 -21.10 -13.39 -1.90
C TYR A 89 -20.18 -12.17 -1.89
N ARG A 90 -20.70 -11.00 -2.32
CA ARG A 90 -19.92 -9.77 -2.18
C ARG A 90 -19.57 -9.51 -0.72
N GLU A 91 -20.52 -9.71 0.19
CA GLU A 91 -20.25 -9.55 1.61
C GLU A 91 -19.17 -10.51 2.09
N LYS A 92 -19.18 -11.75 1.60
CA LYS A 92 -18.17 -12.72 2.02
C LYS A 92 -16.78 -12.28 1.58
N VAL A 93 -16.64 -11.89 0.31
CA VAL A 93 -15.36 -11.40 -0.18
C VAL A 93 -14.95 -10.14 0.58
N GLU A 94 -15.90 -9.24 0.82
CA GLU A 94 -15.63 -8.00 1.54
C GLU A 94 -15.11 -8.28 2.94
N THR A 95 -15.73 -9.24 3.64
CA THR A 95 -15.28 -9.59 4.98
C THR A 95 -13.87 -10.18 4.96
N GLU A 96 -13.56 -11.01 3.96
N GLU A 96 -13.57 -11.00 3.96
CA GLU A 96 -12.23 -11.58 3.85
CA GLU A 96 -12.25 -11.58 3.84
C GLU A 96 -11.20 -10.48 3.57
C GLU A 96 -11.20 -10.51 3.55
N LEU A 97 -11.54 -9.55 2.69
CA LEU A 97 -10.65 -8.42 2.41
C LEU A 97 -10.40 -7.60 3.68
N GLN A 98 -11.47 -7.28 4.42
CA GLN A 98 -11.29 -6.52 5.65
C GLN A 98 -10.44 -7.28 6.65
N GLY A 99 -10.54 -8.61 6.69
CA GLY A 99 -9.71 -9.36 7.60
C GLY A 99 -8.24 -9.27 7.26
N VAL A 100 -7.91 -9.32 5.97
CA VAL A 100 -6.51 -9.17 5.55
C VAL A 100 -6.00 -7.77 5.87
N CYS A 101 -6.79 -6.74 5.59
CA CYS A 101 -6.36 -5.39 5.95
C CYS A 101 -6.14 -5.27 7.44
N ASP A 102 -7.06 -5.81 8.26
CA ASP A 102 -6.89 -5.74 9.70
C ASP A 102 -5.63 -6.47 10.15
N THR A 103 -5.32 -7.60 9.51
CA THR A 103 -4.11 -8.34 9.84
C THR A 103 -2.86 -7.51 9.60
N VAL A 104 -2.80 -6.86 8.43
CA VAL A 104 -1.64 -6.01 8.11
C VAL A 104 -1.55 -4.85 9.09
N LEU A 105 -2.67 -4.17 9.32
CA LEU A 105 -2.67 -3.06 10.27
C LEU A 105 -2.27 -3.52 11.66
N GLY A 106 -2.67 -4.74 12.04
CA GLY A 106 -2.25 -5.27 13.33
C GLY A 106 -0.75 -5.49 13.41
N LEU A 107 -0.14 -5.96 12.31
CA LEU A 107 1.30 -6.15 12.29
C LEU A 107 2.03 -4.81 12.41
N LEU A 108 1.52 -3.78 11.73
CA LEU A 108 2.15 -2.47 11.81
C LEU A 108 2.05 -1.92 13.22
N ASP A 109 0.91 -2.14 13.88
CA ASP A 109 0.68 -1.65 15.22
C ASP A 109 1.36 -2.48 16.30
N SER A 110 1.71 -3.74 15.99
CA SER A 110 2.28 -4.66 16.98
C SER A 110 3.38 -5.50 16.33
N HIS A 111 4.59 -4.92 16.20
CA HIS A 111 4.95 -3.60 16.73
C HIS A 111 5.91 -2.90 15.75
N LEU A 112 5.65 -3.06 14.46
CA LEU A 112 6.60 -2.60 13.45
C LEU A 112 6.82 -1.09 13.53
N ILE A 113 5.73 -0.32 13.61
CA ILE A 113 5.86 1.13 13.51
C ILE A 113 6.58 1.69 14.73
N LYS A 114 6.21 1.24 15.93
CA LYS A 114 6.79 1.84 17.12
C LYS A 114 8.28 1.53 17.24
N GLU A 115 8.77 0.46 16.65
CA GLU A 115 10.19 0.19 16.68
C GLU A 115 10.94 0.77 15.49
N ALA A 116 10.26 1.41 14.54
CA ALA A 116 10.89 1.92 13.33
C ALA A 116 11.39 3.34 13.58
N GLY A 117 12.71 3.50 13.67
CA GLY A 117 13.30 4.80 13.95
C GLY A 117 13.89 5.50 12.74
N ASP A 118 14.43 4.72 11.78
CA ASP A 118 14.99 5.32 10.59
C ASP A 118 13.89 5.81 9.66
N ALA A 119 14.20 6.88 8.92
CA ALA A 119 13.21 7.44 8.01
C ALA A 119 12.75 6.41 6.99
N GLU A 120 13.67 5.61 6.45
CA GLU A 120 13.31 4.66 5.40
C GLU A 120 12.34 3.61 5.90
N SER A 121 12.51 3.14 7.13
CA SER A 121 11.58 2.15 7.66
C SER A 121 10.29 2.80 8.14
N ARG A 122 10.37 3.94 8.83
CA ARG A 122 9.16 4.54 9.37
C ARG A 122 8.24 5.03 8.27
N VAL A 123 8.79 5.68 7.25
CA VAL A 123 7.96 6.13 6.12
C VAL A 123 7.35 4.93 5.40
N PHE A 124 8.13 3.85 5.25
CA PHE A 124 7.62 2.65 4.58
C PHE A 124 6.41 2.10 5.31
N TYR A 125 6.50 1.95 6.63
CA TYR A 125 5.40 1.36 7.39
C TYR A 125 4.19 2.31 7.44
N LEU A 126 4.44 3.62 7.54
CA LEU A 126 3.31 4.54 7.63
C LEU A 126 2.59 4.63 6.29
N LYS A 127 3.33 4.58 5.19
CA LYS A 127 2.70 4.47 3.87
C LYS A 127 1.84 3.21 3.78
N MET A 128 2.37 2.08 4.26
CA MET A 128 1.56 0.85 4.34
C MET A 128 0.29 1.07 5.13
N LYS A 129 0.40 1.70 6.30
CA LYS A 129 -0.78 1.98 7.12
C LYS A 129 -1.81 2.78 6.35
N GLY A 130 -1.38 3.83 5.66
CA GLY A 130 -2.30 4.60 4.84
C GLY A 130 -2.93 3.76 3.74
N ASP A 131 -2.13 2.92 3.08
CA ASP A 131 -2.63 2.08 1.99
C ASP A 131 -3.74 1.15 2.47
N TYR A 132 -3.51 0.45 3.59
CA TYR A 132 -4.49 -0.55 3.99
C TYR A 132 -5.73 0.07 4.63
N TYR A 133 -5.60 1.25 5.25
CA TYR A 133 -6.82 1.99 5.58
C TYR A 133 -7.53 2.47 4.33
N ARG A 134 -6.78 2.83 3.27
CA ARG A 134 -7.42 3.21 2.02
C ARG A 134 -8.21 2.04 1.43
N TYR A 135 -7.65 0.83 1.49
CA TYR A 135 -8.40 -0.33 0.99
C TYR A 135 -9.65 -0.57 1.82
N LEU A 136 -9.58 -0.38 3.14
CA LEU A 136 -10.78 -0.45 3.97
C LEU A 136 -11.79 0.62 3.56
N ALA A 137 -11.31 1.82 3.26
CA ALA A 137 -12.22 2.90 2.87
C ALA A 137 -12.93 2.59 1.55
N GLU A 138 -12.27 1.87 0.64
CA GLU A 138 -12.88 1.56 -0.66
C GLU A 138 -14.20 0.82 -0.51
N VAL A 139 -14.32 -0.02 0.53
CA VAL A 139 -15.50 -0.85 0.74
C VAL A 139 -16.37 -0.35 1.89
N ALA A 140 -15.98 0.73 2.56
CA ALA A 140 -16.74 1.23 3.69
C ALA A 140 -17.89 2.11 3.21
N THR A 141 -18.93 2.21 4.05
CA THR A 141 -20.08 3.02 3.70
C THR A 141 -20.38 4.11 4.72
N GLY A 142 -20.72 3.76 5.95
CA GLY A 142 -21.20 4.77 6.89
C GLY A 142 -20.89 4.42 8.32
N ASP A 143 -20.97 5.46 9.17
CA ASP A 143 -20.65 5.39 10.60
C ASP A 143 -19.16 5.17 10.83
N ASP A 144 -18.50 4.49 9.89
CA ASP A 144 -17.08 4.22 9.98
C ASP A 144 -16.28 4.72 8.78
N LYS A 145 -16.91 4.98 7.63
CA LYS A 145 -16.14 5.40 6.48
C LYS A 145 -15.36 6.68 6.77
N LYS A 146 -16.00 7.66 7.41
CA LYS A 146 -15.31 8.91 7.71
C LYS A 146 -14.11 8.68 8.61
N ARG A 147 -14.29 7.88 9.66
CA ARG A 147 -13.15 7.62 10.55
C ARG A 147 -12.06 6.82 9.85
N ILE A 148 -12.44 5.89 8.97
CA ILE A 148 -11.44 5.13 8.23
C ILE A 148 -10.67 6.04 7.29
N ILE A 149 -11.37 6.92 6.59
CA ILE A 149 -10.71 7.90 5.71
C ILE A 149 -9.74 8.76 6.50
N ASP A 150 -10.16 9.22 7.68
CA ASP A 150 -9.25 10.05 8.47
C ASP A 150 -8.05 9.27 8.96
N SER A 151 -8.23 7.98 9.27
CA SER A 151 -7.09 7.16 9.65
C SER A 151 -6.10 7.02 8.52
N ALA A 152 -6.60 6.82 7.29
CA ALA A 152 -5.70 6.77 6.14
C ALA A 152 -4.98 8.09 5.95
N ARG A 153 -5.72 9.20 5.98
N ARG A 153 -5.72 9.20 5.97
CA ARG A 153 -5.11 10.52 5.78
CA ARG A 153 -5.11 10.52 5.78
C ARG A 153 -4.05 10.81 6.83
C ARG A 153 -4.05 10.79 6.83
N SER A 154 -4.32 10.45 8.09
CA SER A 154 -3.36 10.75 9.15
C SER A 154 -2.07 9.97 8.98
N ALA A 155 -2.17 8.71 8.58
CA ALA A 155 -0.96 7.91 8.35
C ALA A 155 -0.15 8.45 7.18
N TYR A 156 -0.83 8.72 6.06
CA TYR A 156 -0.15 9.31 4.91
C TYR A 156 0.51 10.63 5.27
N GLN A 157 -0.18 11.45 6.05
CA GLN A 157 0.34 12.78 6.39
C GLN A 157 1.59 12.70 7.24
N GLU A 158 1.61 11.81 8.24
N GLU A 158 1.59 11.83 8.26
CA GLU A 158 2.82 11.65 9.03
CA GLU A 158 2.81 11.60 9.04
C GLU A 158 3.97 11.14 8.17
C GLU A 158 3.95 11.20 8.12
N ALA A 159 3.68 10.21 7.25
CA ALA A 159 4.72 9.73 6.34
C ALA A 159 5.24 10.85 5.45
N MET A 160 4.33 11.66 4.89
CA MET A 160 4.73 12.82 4.08
C MET A 160 5.65 13.75 4.87
N ASP A 161 5.26 14.08 6.10
CA ASP A 161 6.04 15.04 6.89
C ASP A 161 7.47 14.53 7.10
N ILE A 162 7.62 13.24 7.44
CA ILE A 162 8.94 12.68 7.63
C ILE A 162 9.73 12.65 6.32
N SER A 163 9.08 12.23 5.22
CA SER A 163 9.80 12.08 3.96
C SER A 163 10.28 13.41 3.43
N LYS A 164 9.50 14.48 3.63
CA LYS A 164 9.94 15.79 3.19
C LYS A 164 11.12 16.28 4.01
N LYS A 165 11.20 15.90 5.28
CA LYS A 165 12.30 16.33 6.14
C LYS A 165 13.55 15.49 5.95
N GLU A 166 13.40 14.18 5.68
CA GLU A 166 14.51 13.25 5.79
C GLU A 166 14.95 12.61 4.49
N MET A 167 14.23 12.81 3.40
CA MET A 167 14.56 12.11 2.16
C MET A 167 14.67 13.08 1.01
N PRO A 168 15.54 12.80 0.05
CA PRO A 168 15.61 13.64 -1.16
C PRO A 168 14.36 13.48 -1.99
N PRO A 169 14.03 14.46 -2.84
CA PRO A 169 12.78 14.40 -3.61
C PRO A 169 12.70 13.24 -4.58
N THR A 170 13.82 12.58 -4.90
CA THR A 170 13.82 11.46 -5.84
C THR A 170 13.75 10.11 -5.14
N ASN A 171 13.75 10.08 -3.81
CA ASN A 171 13.75 8.80 -3.11
C ASN A 171 12.52 7.98 -3.52
N PRO A 172 12.71 6.74 -3.99
CA PRO A 172 11.55 5.97 -4.49
C PRO A 172 10.45 5.78 -3.45
N ILE A 173 10.80 5.61 -2.17
CA ILE A 173 9.76 5.52 -1.15
C ILE A 173 8.99 6.83 -1.05
N ARG A 174 9.70 7.96 -1.07
CA ARG A 174 9.02 9.25 -1.01
C ARG A 174 8.11 9.45 -2.22
N LEU A 175 8.59 9.05 -3.41
CA LEU A 175 7.79 9.22 -4.62
C LEU A 175 6.56 8.32 -4.61
N GLY A 176 6.73 7.05 -4.21
CA GLY A 176 5.60 6.14 -4.16
C GLY A 176 4.58 6.53 -3.09
N LEU A 177 5.05 7.08 -1.98
CA LEU A 177 4.13 7.60 -0.98
C LEU A 177 3.30 8.75 -1.53
N ALA A 178 3.97 9.70 -2.20
CA ALA A 178 3.23 10.83 -2.78
C ALA A 178 2.26 10.35 -3.84
N LEU A 179 2.68 9.39 -4.67
CA LEU A 179 1.78 8.82 -5.67
C LEU A 179 0.52 8.28 -5.03
N ASN A 180 0.67 7.44 -4.00
CA ASN A 180 -0.49 6.79 -3.38
C ASN A 180 -1.33 7.80 -2.61
N PHE A 181 -0.69 8.78 -1.94
CA PHE A 181 -1.46 9.83 -1.27
C PHE A 181 -2.27 10.63 -2.28
N SER A 182 -1.70 10.89 -3.46
CA SER A 182 -2.46 11.59 -4.50
C SER A 182 -3.65 10.75 -4.95
N VAL A 183 -3.46 9.43 -5.05
CA VAL A 183 -4.58 8.55 -5.40
C VAL A 183 -5.63 8.57 -4.30
N PHE A 184 -5.19 8.58 -3.04
CA PHE A 184 -6.12 8.74 -1.92
C PHE A 184 -6.95 10.01 -2.08
N HIS A 185 -6.29 11.13 -2.38
CA HIS A 185 -7.02 12.39 -2.55
C HIS A 185 -8.05 12.28 -3.66
N TYR A 186 -7.67 11.67 -4.79
CA TYR A 186 -8.53 11.66 -5.96
C TYR A 186 -9.68 10.68 -5.80
N GLU A 187 -9.37 9.47 -5.34
CA GLU A 187 -10.34 8.38 -5.37
C GLU A 187 -11.15 8.25 -4.09
N ILE A 188 -10.61 8.65 -2.95
CA ILE A 188 -11.22 8.41 -1.65
C ILE A 188 -11.75 9.70 -1.04
N ALA A 189 -10.94 10.75 -1.03
CA ALA A 189 -11.25 11.98 -0.30
C ALA A 189 -12.02 13.00 -1.13
N ASN A 190 -12.34 12.69 -2.38
CA ASN A 190 -13.08 13.61 -3.26
C ASN A 190 -12.36 14.96 -3.34
N SER A 191 -11.04 14.92 -3.46
CA SER A 191 -10.21 16.13 -3.55
C SER A 191 -9.32 16.04 -4.77
N PRO A 192 -9.90 16.06 -5.98
CA PRO A 192 -9.06 15.89 -7.18
C PRO A 192 -8.06 17.02 -7.38
N GLU A 193 -8.38 18.25 -6.97
CA GLU A 193 -7.41 19.33 -7.13
C GLU A 193 -6.19 19.11 -6.22
N GLU A 194 -6.41 18.62 -5.00
CA GLU A 194 -5.29 18.29 -4.14
C GLU A 194 -4.46 17.16 -4.73
N ALA A 195 -5.14 16.17 -5.31
CA ALA A 195 -4.45 15.05 -5.95
C ALA A 195 -3.56 15.54 -7.09
N ILE A 196 -4.08 16.40 -7.95
CA ILE A 196 -3.33 16.91 -9.09
C ILE A 196 -2.17 17.78 -8.61
N SER A 197 -2.42 18.65 -7.62
N SER A 197 -2.42 18.65 -7.62
CA SER A 197 -1.36 19.52 -7.12
CA SER A 197 -1.37 19.53 -7.11
C SER A 197 -0.23 18.72 -6.51
C SER A 197 -0.23 18.73 -6.49
N LEU A 198 -0.57 17.70 -5.70
CA LEU A 198 0.48 16.89 -5.10
C LEU A 198 1.28 16.14 -6.17
N ALA A 199 0.60 15.55 -7.15
CA ALA A 199 1.31 14.81 -8.20
C ALA A 199 2.23 15.72 -8.99
N LYS A 200 1.77 16.93 -9.33
CA LYS A 200 2.57 17.87 -10.09
C LYS A 200 3.79 18.34 -9.31
N THR A 201 3.58 18.80 -8.07
CA THR A 201 4.70 19.27 -7.25
C THR A 201 5.70 18.15 -6.98
N THR A 202 5.21 16.94 -6.75
CA THR A 202 6.11 15.80 -6.54
C THR A 202 6.95 15.53 -7.78
N PHE A 203 6.31 15.54 -8.95
CA PHE A 203 7.03 15.29 -10.20
C PHE A 203 8.08 16.36 -10.45
N ASP A 204 7.69 17.64 -10.33
CA ASP A 204 8.60 18.74 -10.62
C ASP A 204 9.78 18.76 -9.68
N GLU A 205 9.57 18.51 -8.39
CA GLU A 205 10.69 18.53 -7.45
C GLU A 205 11.61 17.34 -7.67
N ALA A 206 11.07 16.19 -8.09
CA ALA A 206 11.93 15.07 -8.44
C ALA A 206 12.75 15.38 -9.69
N MET A 207 12.11 15.97 -10.71
CA MET A 207 12.83 16.26 -11.95
C MET A 207 14.06 17.11 -11.68
N ALA A 208 13.94 18.08 -10.79
CA ALA A 208 15.04 18.99 -10.48
C ALA A 208 16.15 18.34 -9.66
N ASP A 209 15.92 17.15 -9.12
CA ASP A 209 16.90 16.44 -8.30
C ASP A 209 17.55 15.28 -9.06
N LEU A 210 17.10 15.00 -10.30
CA LEU A 210 17.58 13.83 -11.02
C LEU A 210 19.07 13.93 -11.33
N HIS A 211 19.59 15.14 -11.49
CA HIS A 211 20.99 15.31 -11.85
C HIS A 211 21.94 14.74 -10.79
N THR A 212 21.46 14.53 -9.57
CA THR A 212 22.31 14.03 -8.50
C THR A 212 22.47 12.51 -8.50
N LEU A 213 21.75 11.80 -9.36
CA LEU A 213 21.59 10.36 -9.24
C LEU A 213 22.51 9.59 -10.17
N SER A 214 22.86 8.38 -9.75
CA SER A 214 23.53 7.42 -10.61
C SER A 214 22.58 6.91 -11.68
N GLU A 215 23.14 6.18 -12.64
CA GLU A 215 22.35 5.59 -13.71
C GLU A 215 21.24 4.67 -13.17
N ASP A 216 21.56 3.84 -12.17
CA ASP A 216 20.56 2.92 -11.64
C ASP A 216 19.50 3.65 -10.81
N SER A 217 19.92 4.59 -9.98
CA SER A 217 18.96 5.37 -9.21
C SER A 217 18.08 6.22 -10.10
N TYR A 218 18.66 6.76 -11.18
CA TYR A 218 17.87 7.50 -12.17
C TYR A 218 16.76 6.64 -12.74
N LYS A 219 17.05 5.39 -13.08
CA LYS A 219 16.02 4.50 -13.62
C LYS A 219 14.93 4.23 -12.59
N ASP A 220 15.32 4.02 -11.33
CA ASP A 220 14.34 3.77 -10.28
C ASP A 220 13.39 4.96 -10.11
N SER A 221 13.94 6.17 -10.06
CA SER A 221 13.12 7.34 -9.80
C SER A 221 12.27 7.71 -11.01
N THR A 222 12.84 7.65 -12.22
CA THR A 222 12.05 8.06 -13.37
C THR A 222 10.90 7.09 -13.63
N LEU A 223 11.05 5.82 -13.25
CA LEU A 223 9.94 4.88 -13.40
C LEU A 223 8.74 5.34 -12.60
N ILE A 224 8.96 5.75 -11.34
CA ILE A 224 7.83 6.17 -10.52
C ILE A 224 7.33 7.54 -10.97
N MET A 225 8.23 8.43 -11.42
CA MET A 225 7.73 9.70 -11.94
C MET A 225 6.82 9.49 -13.13
N GLN A 226 7.08 8.47 -13.95
CA GLN A 226 6.18 8.18 -15.06
C GLN A 226 4.79 7.80 -14.56
N LEU A 227 4.72 7.10 -13.43
CA LEU A 227 3.41 6.76 -12.86
C LEU A 227 2.66 8.01 -12.41
N LEU A 228 3.38 8.98 -11.82
CA LEU A 228 2.76 10.26 -11.51
C LEU A 228 2.27 10.95 -12.77
N ARG A 229 3.10 10.94 -13.82
CA ARG A 229 2.71 11.56 -15.09
C ARG A 229 1.48 10.87 -15.69
N ASP A 230 1.44 9.53 -15.65
CA ASP A 230 0.28 8.81 -16.17
C ASP A 230 -1.01 9.25 -15.49
N ASN A 231 -0.96 9.41 -14.16
CA ASN A 231 -2.15 9.84 -13.42
C ASN A 231 -2.54 11.26 -13.80
N LEU A 232 -1.57 12.18 -13.88
CA LEU A 232 -1.88 13.54 -14.28
C LEU A 232 -2.52 13.59 -15.65
N THR A 233 -2.02 12.74 -16.57
CA THR A 233 -2.61 12.66 -17.90
C THR A 233 -4.06 12.19 -17.84
N LEU A 234 -4.34 11.26 -16.93
CA LEU A 234 -5.70 10.78 -16.78
C LEU A 234 -6.60 11.80 -16.09
N TRP A 235 -6.04 12.62 -15.21
CA TRP A 235 -6.83 13.54 -14.39
C TRP A 235 -7.00 14.92 -15.01
N THR A 236 -6.24 15.24 -16.04
CA THR A 236 -6.29 16.57 -16.64
C THR A 236 -6.51 16.49 -18.15
N ALA B 5 -6.87 5.51 -12.46
CA ALA B 5 -5.85 6.12 -11.62
C ALA B 5 -5.04 5.06 -10.90
N GLY B 6 -3.73 5.04 -11.16
CA GLY B 6 -2.88 3.98 -10.64
C GLY B 6 -2.09 4.33 -9.40
N ILE B 8 0.92 2.72 -6.75
CA ILE B 8 2.11 1.90 -6.95
C ILE B 8 1.70 0.43 -7.14
N PRO B 9 2.12 -0.18 -8.24
CA PRO B 9 1.79 -1.59 -8.45
C PRO B 9 2.31 -2.46 -7.32
N GLY B 10 3.60 -2.35 -7.05
CA GLY B 10 4.22 -3.01 -5.90
C GLY B 10 3.94 -4.49 -5.78
N ARG B 11 3.72 -5.18 -6.90
CA ARG B 11 3.38 -6.60 -6.88
C ARG B 11 4.57 -7.51 -7.15
N ARG B 12 5.74 -6.94 -7.46
CA ARG B 12 6.91 -7.73 -7.84
C ARG B 12 8.10 -7.35 -6.98
N SER B 13 8.90 -8.36 -6.62
CA SER B 13 10.13 -8.23 -5.84
C SER B 13 9.87 -7.87 -4.38
#